data_1URH
#
_entry.id   1URH
#
_cell.length_a   150.170
_cell.length_b   150.170
_cell.length_c   37.930
_cell.angle_alpha   90.00
_cell.angle_beta   90.00
_cell.angle_gamma   90.00
#
_symmetry.space_group_name_H-M   'P 43'
#
loop_
_entity.id
_entity.type
_entity.pdbx_description
1 polymer '3-MERCAPTOPYRUVATE SULFURTRANSFERASE'
2 non-polymer 'SULFITE ION'
3 water water
#
_entity_poly.entity_id   1
_entity_poly.type   'polypeptide(L)'
_entity_poly.pdbx_seq_one_letter_code
;STTWFVGADWLAEHIDDPEIQIIDARMASPGQEDRNVAQEYLNGHIPGAVFFDIEALSDHTSPLPHMLPRPETFAVAMRE
LGVNQDKHLIVYDEGNLFSAPRAWWMLRTFGVEKVSILGGGLAGWQRDDLLLEEGAVELPEGEFNAAFNPEAVVKVTDVL
LASHENTAQIIDARPAARFNAEVDEPRPGLRRGHIPGALNVPWTELVREGELKTTDELDAIFFGRGVSYDKPIIVS
(CSS)GSGVTAAVVLLALATLDVPNVKLYDGAWSEWGARADLPVEPVK
;
_entity_poly.pdbx_strand_id   A,B
#
# COMPACT_ATOMS: atom_id res chain seq x y z
N THR A 2 15.82 -28.40 5.69
CA THR A 2 15.72 -27.16 4.86
C THR A 2 14.38 -26.46 5.04
N THR A 3 14.44 -25.14 5.13
CA THR A 3 13.24 -24.34 5.29
C THR A 3 13.14 -23.35 4.12
N TRP A 4 11.95 -23.23 3.54
CA TRP A 4 11.74 -22.33 2.42
C TRP A 4 11.10 -21.00 2.81
N PHE A 5 10.76 -20.86 4.09
CA PHE A 5 10.10 -19.65 4.58
C PHE A 5 11.02 -18.62 5.23
N VAL A 6 10.52 -17.38 5.35
CA VAL A 6 11.23 -16.31 6.06
C VAL A 6 10.22 -15.64 7.00
N GLY A 7 10.71 -15.19 8.16
CA GLY A 7 9.85 -14.53 9.13
C GLY A 7 9.62 -13.05 8.83
N ALA A 8 8.51 -12.49 9.32
CA ALA A 8 8.18 -11.08 9.10
C ALA A 8 9.30 -10.19 9.63
N ASP A 9 9.76 -10.52 10.83
CA ASP A 9 10.82 -9.79 11.50
C ASP A 9 12.00 -9.54 10.55
N TRP A 10 12.39 -10.60 9.83
CA TRP A 10 13.48 -10.57 8.87
C TRP A 10 13.06 -9.76 7.63
N LEU A 11 11.91 -10.12 7.06
CA LEU A 11 11.43 -9.42 5.88
C LEU A 11 11.40 -7.92 6.17
N ALA A 12 10.87 -7.54 7.33
CA ALA A 12 10.80 -6.13 7.72
C ALA A 12 12.21 -5.50 7.73
N GLU A 13 13.15 -6.16 8.41
CA GLU A 13 14.54 -5.68 8.47
C GLU A 13 15.22 -5.67 7.11
N HIS A 14 14.49 -6.02 6.06
CA HIS A 14 15.02 -6.06 4.71
C HIS A 14 14.03 -5.48 3.71
N ILE A 15 12.96 -4.89 4.23
CA ILE A 15 11.93 -4.33 3.39
C ILE A 15 12.50 -3.36 2.37
N ASP A 16 13.68 -2.83 2.67
CA ASP A 16 14.35 -1.89 1.78
C ASP A 16 15.49 -2.50 1.00
N ASP A 17 15.85 -3.73 1.35
CA ASP A 17 16.94 -4.45 0.69
C ASP A 17 16.67 -4.56 -0.81
N PRO A 18 17.64 -4.14 -1.63
CA PRO A 18 17.58 -4.16 -3.11
C PRO A 18 17.73 -5.52 -3.80
N GLU A 19 18.27 -6.52 -3.11
CA GLU A 19 18.43 -7.84 -3.71
C GLU A 19 17.12 -8.64 -3.49
N ILE A 20 16.18 -8.01 -2.79
CA ILE A 20 14.89 -8.61 -2.47
C ILE A 20 13.78 -7.94 -3.22
N GLN A 21 12.68 -8.67 -3.39
CA GLN A 21 11.49 -8.13 -4.03
C GLN A 21 10.32 -8.94 -3.52
N ILE A 22 9.27 -8.27 -3.08
CA ILE A 22 8.12 -8.96 -2.54
C ILE A 22 6.98 -9.18 -3.53
N ILE A 23 6.35 -10.35 -3.46
CA ILE A 23 5.25 -10.70 -4.36
C ILE A 23 3.98 -11.06 -3.60
N ASP A 24 2.92 -10.31 -3.83
CA ASP A 24 1.64 -10.56 -3.17
C ASP A 24 0.90 -11.58 -4.02
N ALA A 25 0.78 -12.81 -3.51
CA ALA A 25 0.12 -13.89 -4.23
C ALA A 25 -1.26 -14.31 -3.71
N ARG A 26 -1.87 -13.46 -2.89
CA ARG A 26 -3.18 -13.78 -2.35
C ARG A 26 -4.16 -14.02 -3.49
N MET A 27 -5.20 -14.82 -3.22
CA MET A 27 -6.23 -15.07 -4.22
C MET A 27 -7.37 -15.80 -3.54
N ALA A 28 -8.57 -15.65 -4.10
CA ALA A 28 -9.76 -16.29 -3.55
C ALA A 28 -9.84 -17.77 -3.92
N SER A 29 -10.41 -18.56 -3.02
CA SER A 29 -10.67 -19.95 -3.33
C SER A 29 -11.80 -19.97 -4.30
N PRO A 30 -11.80 -20.91 -5.27
CA PRO A 30 -12.96 -20.87 -6.18
C PRO A 30 -14.29 -20.98 -5.42
N GLY A 31 -15.38 -20.61 -6.07
CA GLY A 31 -16.68 -20.65 -5.41
C GLY A 31 -16.79 -19.43 -4.53
N GLN A 32 -15.94 -18.46 -4.82
CA GLN A 32 -15.91 -17.21 -4.08
C GLN A 32 -15.74 -16.05 -5.06
N GLU A 33 -16.40 -16.10 -6.21
CA GLU A 33 -16.24 -14.99 -7.14
C GLU A 33 -16.89 -13.77 -6.47
N ASP A 34 -17.14 -13.92 -5.17
CA ASP A 34 -17.72 -12.88 -4.33
C ASP A 34 -16.62 -11.95 -3.81
N ARG A 35 -15.38 -12.20 -4.23
CA ARG A 35 -14.25 -11.39 -3.79
C ARG A 35 -13.55 -10.69 -4.95
N ASN A 36 -12.75 -9.67 -4.62
CA ASN A 36 -12.01 -8.92 -5.63
C ASN A 36 -10.57 -8.80 -5.17
N VAL A 37 -9.89 -9.94 -5.10
CA VAL A 37 -8.51 -10.01 -4.65
C VAL A 37 -7.61 -8.83 -5.05
N ALA A 38 -7.76 -8.34 -6.28
CA ALA A 38 -6.95 -7.22 -6.74
C ALA A 38 -7.20 -6.02 -5.86
N GLN A 39 -8.49 -5.67 -5.72
CA GLN A 39 -8.88 -4.54 -4.91
C GLN A 39 -8.24 -4.63 -3.53
N GLU A 40 -8.56 -5.71 -2.81
CA GLU A 40 -8.01 -5.96 -1.48
C GLU A 40 -6.52 -5.60 -1.45
N TYR A 41 -5.79 -6.04 -2.47
CA TYR A 41 -4.35 -5.74 -2.58
C TYR A 41 -4.15 -4.24 -2.44
N LEU A 42 -4.87 -3.47 -3.24
CA LEU A 42 -4.77 -2.01 -3.19
C LEU A 42 -5.07 -1.49 -1.78
N ASN A 43 -6.17 -1.94 -1.18
CA ASN A 43 -6.56 -1.49 0.16
C ASN A 43 -5.52 -1.77 1.25
N GLY A 44 -4.58 -2.67 0.99
CA GLY A 44 -3.56 -2.98 1.97
C GLY A 44 -2.66 -4.12 1.54
N HIS A 45 -1.36 -3.88 1.65
CA HIS A 45 -0.37 -4.86 1.24
C HIS A 45 0.98 -4.45 1.75
N ILE A 46 1.91 -5.39 1.75
CA ILE A 46 3.25 -5.10 2.22
C ILE A 46 3.91 -4.04 1.34
N PRO A 47 4.76 -3.19 1.93
CA PRO A 47 5.44 -2.15 1.16
C PRO A 47 6.43 -2.58 0.08
N GLY A 48 6.05 -2.39 -1.18
CA GLY A 48 6.91 -2.77 -2.29
C GLY A 48 6.35 -3.96 -3.05
N ALA A 49 5.41 -4.65 -2.43
CA ALA A 49 4.81 -5.83 -3.03
C ALA A 49 3.91 -5.52 -4.23
N VAL A 50 4.16 -6.24 -5.31
CA VAL A 50 3.39 -6.11 -6.55
C VAL A 50 2.42 -7.28 -6.57
N PHE A 51 1.25 -7.08 -7.17
CA PHE A 51 0.25 -8.14 -7.21
C PHE A 51 0.49 -9.26 -8.23
N PHE A 52 0.64 -10.49 -7.72
CA PHE A 52 0.86 -11.67 -8.57
C PHE A 52 -0.50 -12.36 -8.75
N ASP A 53 -1.26 -11.97 -9.76
CA ASP A 53 -2.55 -12.59 -9.93
C ASP A 53 -2.58 -13.94 -10.64
N ILE A 54 -2.28 -14.97 -9.87
CA ILE A 54 -2.28 -16.34 -10.34
C ILE A 54 -3.42 -16.58 -11.34
N GLU A 55 -4.58 -16.00 -11.03
CA GLU A 55 -5.76 -16.15 -11.89
C GLU A 55 -5.57 -15.63 -13.32
N ALA A 56 -5.00 -14.44 -13.43
CA ALA A 56 -4.79 -13.82 -14.71
C ALA A 56 -3.46 -14.23 -15.30
N LEU A 57 -2.86 -15.27 -14.74
CA LEU A 57 -1.59 -15.77 -15.24
C LEU A 57 -1.73 -17.21 -15.70
N SER A 58 -2.97 -17.70 -15.66
CA SER A 58 -3.26 -19.07 -16.07
C SER A 58 -3.52 -19.10 -17.57
N ASP A 59 -3.23 -20.23 -18.22
CA ASP A 59 -3.49 -20.38 -19.64
C ASP A 59 -5.02 -20.46 -19.79
N HIS A 60 -5.61 -19.41 -20.38
CA HIS A 60 -7.06 -19.33 -20.56
C HIS A 60 -7.57 -20.21 -21.71
N THR A 61 -6.65 -20.62 -22.59
CA THR A 61 -6.99 -21.48 -23.73
C THR A 61 -7.55 -22.80 -23.20
N SER A 62 -6.93 -23.29 -22.13
CA SER A 62 -7.30 -24.56 -21.49
C SER A 62 -8.72 -24.63 -20.96
N PRO A 63 -9.33 -25.83 -21.05
CA PRO A 63 -10.68 -25.99 -20.54
C PRO A 63 -10.59 -26.02 -19.03
N LEU A 64 -9.57 -26.71 -18.53
CA LEU A 64 -9.32 -26.83 -17.09
C LEU A 64 -8.78 -25.53 -16.53
N PRO A 65 -9.09 -25.24 -15.26
CA PRO A 65 -8.65 -24.03 -14.55
C PRO A 65 -7.17 -23.98 -14.15
N HIS A 66 -6.72 -22.78 -13.78
CA HIS A 66 -5.36 -22.52 -13.34
C HIS A 66 -4.30 -23.36 -14.05
N MET A 67 -4.33 -23.33 -15.38
CA MET A 67 -3.34 -24.06 -16.17
C MET A 67 -2.11 -23.18 -16.35
N LEU A 68 -0.94 -23.81 -16.27
CA LEU A 68 0.32 -23.10 -16.43
C LEU A 68 0.36 -22.38 -17.78
N PRO A 69 0.84 -21.14 -17.80
CA PRO A 69 0.91 -20.37 -19.04
C PRO A 69 2.18 -20.64 -19.82
N ARG A 70 2.17 -20.20 -21.06
CA ARG A 70 3.33 -20.34 -21.93
C ARG A 70 4.50 -19.55 -21.32
N PRO A 71 5.72 -20.05 -21.49
CA PRO A 71 6.92 -19.38 -20.96
C PRO A 71 7.13 -17.93 -21.41
N GLU A 72 6.52 -17.54 -22.53
CA GLU A 72 6.67 -16.19 -23.02
C GLU A 72 5.55 -15.27 -22.53
N THR A 73 4.34 -15.84 -22.46
CA THR A 73 3.20 -15.09 -21.97
C THR A 73 3.57 -14.67 -20.55
N PHE A 74 4.27 -15.56 -19.86
CA PHE A 74 4.70 -15.28 -18.51
C PHE A 74 5.72 -14.17 -18.52
N ALA A 75 6.77 -14.31 -19.33
CA ALA A 75 7.85 -13.30 -19.39
C ALA A 75 7.33 -11.89 -19.66
N VAL A 76 6.20 -11.78 -20.35
CA VAL A 76 5.59 -10.47 -20.64
C VAL A 76 5.05 -9.95 -19.33
N ALA A 77 4.05 -10.67 -18.83
CA ALA A 77 3.42 -10.35 -17.56
C ALA A 77 4.50 -9.96 -16.57
N MET A 78 5.39 -10.89 -16.28
CA MET A 78 6.45 -10.60 -15.33
C MET A 78 7.23 -9.33 -15.61
N ARG A 79 7.33 -8.95 -16.88
CA ARG A 79 8.09 -7.74 -17.21
C ARG A 79 7.30 -6.45 -16.99
N GLU A 80 6.02 -6.45 -17.35
CA GLU A 80 5.20 -5.28 -17.14
C GLU A 80 5.14 -5.10 -15.63
N LEU A 81 4.64 -6.13 -14.95
CA LEU A 81 4.53 -6.15 -13.51
C LEU A 81 5.86 -5.75 -12.80
N GLY A 82 6.89 -5.52 -13.58
CA GLY A 82 8.18 -5.09 -13.05
C GLY A 82 8.95 -6.03 -12.16
N VAL A 83 8.61 -7.31 -12.17
CA VAL A 83 9.31 -8.28 -11.32
C VAL A 83 10.64 -8.67 -11.97
N ASN A 84 11.69 -8.74 -11.16
CA ASN A 84 13.04 -9.06 -11.65
C ASN A 84 13.54 -10.46 -11.34
N GLN A 85 13.49 -11.29 -12.38
CA GLN A 85 13.91 -12.68 -12.37
C GLN A 85 15.21 -13.03 -11.66
N ASP A 86 16.09 -12.06 -11.42
CA ASP A 86 17.35 -12.42 -10.77
C ASP A 86 17.56 -11.93 -9.33
N LYS A 87 16.47 -11.48 -8.69
CA LYS A 87 16.55 -11.02 -7.31
C LYS A 87 15.99 -12.14 -6.43
N HIS A 88 16.12 -12.00 -5.11
CA HIS A 88 15.58 -13.01 -4.19
C HIS A 88 14.13 -12.61 -3.98
N LEU A 89 13.20 -13.41 -4.48
CA LEU A 89 11.78 -13.08 -4.35
C LEU A 89 11.16 -13.65 -3.10
N ILE A 90 10.32 -12.85 -2.45
CA ILE A 90 9.64 -13.29 -1.24
C ILE A 90 8.15 -13.20 -1.53
N VAL A 91 7.52 -14.37 -1.57
CA VAL A 91 6.11 -14.50 -1.86
C VAL A 91 5.24 -14.59 -0.60
N TYR A 92 4.00 -14.13 -0.70
CA TYR A 92 3.09 -14.23 0.46
C TYR A 92 1.62 -14.22 0.05
N ASP A 93 0.78 -14.80 0.90
CA ASP A 93 -0.65 -14.80 0.64
C ASP A 93 -1.38 -14.30 1.89
N GLU A 94 -2.71 -14.47 1.91
CA GLU A 94 -3.51 -14.02 3.05
C GLU A 94 -2.96 -14.44 4.40
N GLY A 95 -2.65 -15.73 4.53
CA GLY A 95 -2.11 -16.24 5.78
C GLY A 95 -2.60 -17.66 5.91
N ASN A 96 -3.41 -18.07 4.95
CA ASN A 96 -4.00 -19.40 4.88
C ASN A 96 -3.09 -20.40 4.12
N LEU A 97 -1.96 -19.91 3.60
CA LEU A 97 -0.98 -20.72 2.86
C LEU A 97 -1.66 -21.50 1.75
N PHE A 98 -2.71 -20.91 1.23
CA PHE A 98 -3.48 -21.53 0.17
C PHE A 98 -2.90 -21.36 -1.23
N SER A 99 -2.26 -20.22 -1.51
CA SER A 99 -1.70 -20.01 -2.84
C SER A 99 -0.25 -19.51 -2.95
N ALA A 100 0.39 -19.22 -1.84
CA ALA A 100 1.76 -18.75 -1.90
C ALA A 100 2.61 -19.85 -2.52
N PRO A 101 2.40 -21.11 -2.11
CA PRO A 101 3.18 -22.22 -2.67
C PRO A 101 3.08 -22.27 -4.20
N ARG A 102 1.87 -22.11 -4.74
CA ARG A 102 1.71 -22.12 -6.18
C ARG A 102 2.58 -21.04 -6.81
N ALA A 103 2.42 -19.82 -6.33
CA ALA A 103 3.17 -18.70 -6.84
C ALA A 103 4.67 -18.96 -6.74
N TRP A 104 5.10 -19.45 -5.60
CA TRP A 104 6.50 -19.75 -5.34
C TRP A 104 6.99 -20.74 -6.39
N TRP A 105 6.16 -21.75 -6.60
CA TRP A 105 6.46 -22.79 -7.56
C TRP A 105 6.58 -22.28 -9.02
N MET A 106 5.64 -21.46 -9.46
CA MET A 106 5.70 -20.94 -10.82
C MET A 106 6.97 -20.12 -11.01
N LEU A 107 7.26 -19.27 -10.04
CA LEU A 107 8.45 -18.44 -10.13
C LEU A 107 9.73 -19.27 -10.27
N ARG A 108 9.78 -20.43 -9.62
CA ARG A 108 10.98 -21.27 -9.74
C ARG A 108 10.89 -22.08 -11.02
N THR A 109 9.70 -22.59 -11.30
CA THR A 109 9.48 -23.39 -12.50
C THR A 109 9.82 -22.52 -13.72
N PHE A 110 9.67 -21.18 -13.57
CA PHE A 110 9.94 -20.30 -14.71
C PHE A 110 11.27 -19.54 -14.63
N GLY A 111 12.25 -20.04 -13.88
CA GLY A 111 13.58 -19.44 -13.94
C GLY A 111 14.10 -18.60 -12.80
N VAL A 112 13.34 -18.41 -11.72
CA VAL A 112 13.87 -17.61 -10.63
C VAL A 112 14.60 -18.57 -9.70
N GLU A 113 15.90 -18.39 -9.57
CA GLU A 113 16.68 -19.27 -8.71
C GLU A 113 16.38 -19.21 -7.24
N LYS A 114 16.27 -18.01 -6.68
CA LYS A 114 15.98 -17.89 -5.25
C LYS A 114 14.61 -17.30 -4.93
N VAL A 115 13.74 -18.16 -4.42
CA VAL A 115 12.40 -17.74 -4.07
C VAL A 115 12.00 -18.28 -2.69
N SER A 116 11.51 -17.41 -1.82
CA SER A 116 11.10 -17.84 -0.48
C SER A 116 9.66 -17.44 -0.24
N ILE A 117 9.06 -17.97 0.82
CA ILE A 117 7.69 -17.61 1.14
C ILE A 117 7.73 -16.95 2.51
N LEU A 118 6.90 -15.94 2.72
CA LEU A 118 6.84 -15.25 4.01
C LEU A 118 6.05 -16.11 4.96
N GLY A 119 6.64 -16.42 6.11
CA GLY A 119 5.92 -17.22 7.08
C GLY A 119 4.68 -16.51 7.61
N GLY A 120 3.59 -17.24 7.75
CA GLY A 120 2.38 -16.64 8.28
C GLY A 120 1.68 -15.72 7.30
N GLY A 121 2.30 -15.49 6.15
CA GLY A 121 1.68 -14.63 5.16
C GLY A 121 1.40 -13.24 5.67
N LEU A 122 0.32 -12.66 5.17
CA LEU A 122 -0.10 -11.31 5.53
C LEU A 122 -0.58 -11.22 6.95
N ALA A 123 -1.53 -12.08 7.30
CA ALA A 123 -2.11 -12.11 8.64
C ALA A 123 -1.03 -12.18 9.71
N GLY A 124 0.07 -12.86 9.40
CA GLY A 124 1.13 -12.98 10.39
C GLY A 124 1.89 -11.67 10.47
N TRP A 125 1.90 -10.94 9.36
CA TRP A 125 2.58 -9.66 9.26
C TRP A 125 1.87 -8.65 10.15
N GLN A 126 0.56 -8.54 9.99
CA GLN A 126 -0.23 -7.61 10.80
C GLN A 126 -0.14 -8.00 12.27
N ARG A 127 -0.11 -9.29 12.54
CA ARG A 127 -0.02 -9.76 13.90
C ARG A 127 1.25 -9.20 14.52
N ASP A 128 2.33 -9.16 13.74
CA ASP A 128 3.61 -8.62 14.22
C ASP A 128 3.55 -7.07 14.26
N ASP A 129 2.39 -6.55 13.88
CA ASP A 129 2.09 -5.11 13.90
C ASP A 129 2.94 -4.27 12.96
N LEU A 130 3.24 -4.82 11.82
CA LEU A 130 3.94 -4.08 10.80
C LEU A 130 2.87 -3.43 9.95
N LEU A 131 3.05 -2.19 9.52
CA LEU A 131 2.03 -1.51 8.76
C LEU A 131 1.94 -1.94 7.32
N LEU A 132 0.84 -1.58 6.68
CA LEU A 132 0.64 -1.92 5.29
C LEU A 132 0.89 -0.67 4.45
N GLU A 133 0.81 -0.87 3.13
CA GLU A 133 1.01 0.19 2.15
C GLU A 133 -0.22 0.11 1.26
N GLU A 134 -0.66 1.25 0.74
CA GLU A 134 -1.85 1.28 -0.10
C GLU A 134 -1.52 1.62 -1.54
N GLY A 135 -2.53 1.52 -2.40
CA GLY A 135 -2.37 1.86 -3.80
C GLY A 135 -1.51 0.96 -4.66
N ALA A 136 -1.75 1.03 -5.97
CA ALA A 136 -1.01 0.26 -6.96
C ALA A 136 0.47 0.58 -6.95
N VAL A 137 1.29 -0.43 -7.22
CA VAL A 137 2.73 -0.23 -7.25
C VAL A 137 3.14 -0.15 -8.72
N GLU A 138 4.03 0.79 -9.02
CA GLU A 138 4.49 0.95 -10.39
C GLU A 138 6.00 1.04 -10.39
N LEU A 139 6.65 -0.07 -10.72
CA LEU A 139 8.10 -0.08 -10.79
C LEU A 139 8.39 -0.15 -12.29
N PRO A 140 9.66 -0.05 -12.67
CA PRO A 140 9.97 -0.12 -14.10
C PRO A 140 9.71 -1.54 -14.57
N GLU A 141 10.08 -1.83 -15.82
CA GLU A 141 9.92 -3.17 -16.34
C GLU A 141 11.08 -3.94 -15.70
N GLY A 142 10.82 -5.18 -15.28
CA GLY A 142 11.88 -5.96 -14.66
C GLY A 142 12.52 -6.94 -15.61
N GLU A 143 13.79 -7.22 -15.39
CA GLU A 143 14.49 -8.19 -16.23
C GLU A 143 13.79 -9.53 -16.00
N PHE A 144 13.47 -10.23 -17.07
CA PHE A 144 12.80 -11.52 -16.92
C PHE A 144 12.52 -12.06 -18.30
N ASN A 145 13.35 -12.97 -18.79
CA ASN A 145 13.10 -13.55 -20.10
C ASN A 145 12.67 -15.01 -19.97
N ALA A 146 11.93 -15.47 -20.96
CA ALA A 146 11.44 -16.84 -20.99
C ALA A 146 12.51 -17.85 -20.53
N ALA A 147 12.07 -18.77 -19.68
CA ALA A 147 12.89 -19.83 -19.12
C ALA A 147 11.87 -20.85 -18.63
N PHE A 148 12.28 -22.10 -18.44
CA PHE A 148 11.33 -23.12 -18.01
C PHE A 148 12.03 -24.40 -17.57
N ASN A 149 11.63 -24.96 -16.43
CA ASN A 149 12.23 -26.19 -15.89
C ASN A 149 11.29 -27.38 -15.96
N PRO A 150 11.25 -28.05 -17.11
CA PRO A 150 10.44 -29.22 -17.45
C PRO A 150 10.36 -30.27 -16.37
N GLU A 151 11.47 -30.48 -15.67
CA GLU A 151 11.54 -31.48 -14.61
C GLU A 151 10.65 -31.17 -13.41
N ALA A 152 9.84 -30.13 -13.53
CA ALA A 152 8.95 -29.73 -12.45
C ALA A 152 7.54 -30.25 -12.69
N VAL A 153 7.21 -30.52 -13.95
CA VAL A 153 5.89 -30.99 -14.37
C VAL A 153 5.94 -32.37 -15.04
N VAL A 154 4.83 -33.09 -15.01
CA VAL A 154 4.77 -34.39 -15.68
C VAL A 154 3.66 -34.23 -16.72
N LYS A 155 3.59 -35.15 -17.67
CA LYS A 155 2.58 -35.07 -18.71
C LYS A 155 1.43 -35.97 -18.33
N VAL A 156 0.34 -35.91 -19.09
CA VAL A 156 -0.83 -36.76 -18.85
C VAL A 156 -0.32 -38.18 -19.10
N THR A 157 0.52 -38.29 -20.12
CA THR A 157 1.09 -39.56 -20.50
C THR A 157 1.92 -40.18 -19.40
N ASP A 158 2.89 -39.43 -18.88
CA ASP A 158 3.79 -39.91 -17.84
C ASP A 158 3.05 -40.31 -16.56
N VAL A 159 1.91 -39.69 -16.31
CA VAL A 159 1.11 -40.00 -15.15
C VAL A 159 0.33 -41.31 -15.40
N LEU A 160 0.04 -41.56 -16.68
CA LEU A 160 -0.67 -42.77 -17.11
C LEU A 160 0.16 -43.98 -16.73
N LEU A 161 1.47 -43.92 -16.99
CA LEU A 161 2.36 -45.02 -16.64
C LEU A 161 2.33 -45.22 -15.12
N ALA A 162 2.81 -44.21 -14.40
CA ALA A 162 2.88 -44.25 -12.95
C ALA A 162 1.67 -44.92 -12.34
N SER A 163 0.51 -44.34 -12.61
CA SER A 163 -0.74 -44.85 -12.10
C SER A 163 -0.94 -46.31 -12.51
N HIS A 164 -0.41 -46.68 -13.67
CA HIS A 164 -0.56 -48.04 -14.16
C HIS A 164 0.23 -49.06 -13.35
N GLU A 165 1.55 -48.91 -13.30
CA GLU A 165 2.37 -49.86 -12.55
C GLU A 165 2.82 -49.38 -11.17
N ASN A 166 2.07 -48.46 -10.58
CA ASN A 166 2.43 -47.97 -9.27
C ASN A 166 3.97 -47.85 -9.18
N THR A 167 4.54 -47.06 -10.08
CA THR A 167 5.98 -46.83 -10.10
C THR A 167 6.25 -45.48 -9.43
N ALA A 168 5.22 -44.64 -9.39
CA ALA A 168 5.29 -43.32 -8.76
C ALA A 168 4.02 -43.21 -7.96
N GLN A 169 4.09 -42.63 -6.76
CA GLN A 169 2.90 -42.46 -5.92
C GLN A 169 2.22 -41.16 -6.37
N ILE A 170 0.92 -41.20 -6.63
CA ILE A 170 0.20 -39.99 -7.04
C ILE A 170 -0.57 -39.44 -5.85
N ILE A 171 -0.30 -38.19 -5.47
CA ILE A 171 -1.00 -37.59 -4.33
C ILE A 171 -2.06 -36.57 -4.72
N ASP A 172 -3.14 -36.53 -3.93
CA ASP A 172 -4.25 -35.60 -4.14
C ASP A 172 -4.26 -34.68 -2.94
N ALA A 173 -4.11 -33.39 -3.18
CA ALA A 173 -4.06 -32.42 -2.10
C ALA A 173 -5.45 -31.94 -1.63
N ARG A 174 -6.47 -32.24 -2.41
CA ARG A 174 -7.85 -31.87 -2.08
C ARG A 174 -8.19 -32.31 -0.66
N PRO A 175 -9.23 -31.70 -0.06
CA PRO A 175 -9.59 -32.08 1.31
C PRO A 175 -10.51 -33.31 1.26
N ALA A 176 -10.31 -34.24 2.20
CA ALA A 176 -11.10 -35.47 2.28
C ALA A 176 -12.51 -35.38 1.70
N ALA A 177 -13.30 -34.47 2.25
CA ALA A 177 -14.68 -34.28 1.80
C ALA A 177 -14.85 -34.09 0.29
N ARG A 178 -13.78 -33.73 -0.41
CA ARG A 178 -13.88 -33.51 -1.85
C ARG A 178 -13.26 -34.65 -2.64
N PHE A 179 -12.40 -35.41 -1.98
CA PHE A 179 -11.71 -36.54 -2.58
C PHE A 179 -12.68 -37.63 -3.08
N ASN A 180 -13.85 -37.77 -2.45
CA ASN A 180 -14.75 -38.86 -2.85
C ASN A 180 -16.13 -38.42 -3.36
N ALA A 181 -16.36 -37.14 -3.55
CA ALA A 181 -17.64 -36.70 -4.10
C ALA A 181 -17.62 -36.87 -5.63
N GLU A 182 -17.62 -35.75 -6.35
CA GLU A 182 -17.60 -35.76 -7.82
C GLU A 182 -17.95 -34.36 -8.36
N VAL A 183 -17.41 -33.33 -7.71
CA VAL A 183 -17.67 -31.94 -8.10
C VAL A 183 -16.43 -31.15 -8.58
N ASP A 184 -15.92 -31.51 -9.75
CA ASP A 184 -14.76 -30.86 -10.34
C ASP A 184 -14.86 -30.97 -11.86
N GLU A 185 -15.30 -32.15 -12.32
CA GLU A 185 -15.48 -32.46 -13.73
C GLU A 185 -16.41 -33.67 -13.83
N LEU A 190 -11.70 -40.76 -14.33
CA LEU A 190 -11.22 -40.92 -12.96
C LEU A 190 -12.16 -41.88 -12.23
N ARG A 191 -11.73 -42.40 -11.08
CA ARG A 191 -12.59 -43.29 -10.31
C ARG A 191 -13.75 -42.47 -9.73
N ARG A 192 -13.65 -42.08 -8.45
CA ARG A 192 -14.70 -41.30 -7.80
C ARG A 192 -14.36 -39.81 -7.79
N GLY A 193 -13.67 -39.37 -8.84
CA GLY A 193 -13.27 -37.97 -8.94
C GLY A 193 -11.77 -37.82 -8.85
N HIS A 194 -11.10 -38.90 -8.44
CA HIS A 194 -9.65 -38.90 -8.31
C HIS A 194 -8.99 -39.95 -9.19
N ILE A 195 -7.74 -39.68 -9.54
CA ILE A 195 -6.95 -40.58 -10.38
C ILE A 195 -6.84 -41.95 -9.74
N PRO A 196 -7.03 -43.00 -10.54
CA PRO A 196 -6.94 -44.37 -10.05
C PRO A 196 -5.63 -44.64 -9.33
N GLY A 197 -5.70 -44.95 -8.04
CA GLY A 197 -4.51 -45.25 -7.27
C GLY A 197 -4.00 -44.06 -6.47
N ALA A 198 -4.67 -42.91 -6.65
CA ALA A 198 -4.27 -41.69 -5.97
C ALA A 198 -4.44 -41.76 -4.47
N LEU A 199 -3.41 -41.30 -3.76
CA LEU A 199 -3.42 -41.26 -2.31
C LEU A 199 -3.81 -39.85 -1.94
N ASN A 200 -4.81 -39.73 -1.07
CA ASN A 200 -5.30 -38.42 -0.63
C ASN A 200 -4.52 -37.87 0.55
N VAL A 201 -4.00 -36.66 0.40
CA VAL A 201 -3.27 -35.99 1.48
C VAL A 201 -3.75 -34.54 1.52
N PRO A 202 -4.83 -34.29 2.28
CA PRO A 202 -5.41 -32.94 2.42
C PRO A 202 -4.32 -31.92 2.73
N TRP A 203 -4.11 -30.94 1.87
CA TRP A 203 -3.05 -29.99 2.15
C TRP A 203 -3.16 -29.37 3.52
N THR A 204 -4.37 -29.02 3.91
CA THR A 204 -4.63 -28.41 5.21
C THR A 204 -3.94 -29.08 6.40
N GLU A 205 -3.55 -30.34 6.27
CA GLU A 205 -2.91 -31.04 7.38
C GLU A 205 -1.42 -30.80 7.50
N LEU A 206 -0.88 -29.98 6.61
CA LEU A 206 0.54 -29.69 6.61
C LEU A 206 0.67 -28.21 6.96
N VAL A 207 -0.47 -27.56 7.17
CA VAL A 207 -0.47 -26.14 7.48
C VAL A 207 -0.79 -25.79 8.93
N ARG A 208 0.02 -24.92 9.51
CA ARG A 208 -0.19 -24.46 10.88
C ARG A 208 0.01 -22.95 10.82
N GLU A 209 -1.12 -22.27 10.68
CA GLU A 209 -1.19 -20.82 10.59
C GLU A 209 -0.20 -20.14 9.65
N GLY A 210 -0.53 -20.14 8.36
CA GLY A 210 0.33 -19.49 7.38
C GLY A 210 1.69 -20.09 7.09
N GLU A 211 1.95 -21.31 7.53
CA GLU A 211 3.22 -21.94 7.25
C GLU A 211 3.20 -23.45 7.50
N LEU A 212 4.25 -24.13 7.04
CA LEU A 212 4.29 -25.59 7.19
C LEU A 212 4.55 -26.03 8.61
N LYS A 213 4.00 -27.18 8.97
CA LYS A 213 4.20 -27.71 10.30
C LYS A 213 5.68 -28.01 10.43
N THR A 214 6.04 -28.75 11.47
CA THR A 214 7.42 -29.08 11.69
C THR A 214 7.82 -30.30 10.89
N THR A 215 9.11 -30.43 10.59
CA THR A 215 9.60 -31.56 9.83
C THR A 215 8.93 -32.84 10.30
N ASP A 216 9.06 -33.12 11.57
CA ASP A 216 8.46 -34.31 12.14
C ASP A 216 6.95 -34.35 11.95
N GLU A 217 6.26 -33.25 12.21
CA GLU A 217 4.83 -33.25 12.03
C GLU A 217 4.45 -33.61 10.59
N LEU A 218 5.29 -33.20 9.64
CA LEU A 218 5.07 -33.49 8.21
C LEU A 218 5.39 -34.94 7.92
N ASP A 219 6.55 -35.35 8.41
CA ASP A 219 7.04 -36.70 8.26
C ASP A 219 5.97 -37.68 8.71
N ALA A 220 5.30 -37.35 9.80
CA ALA A 220 4.24 -38.20 10.32
C ALA A 220 2.97 -38.13 9.50
N ILE A 221 2.56 -36.93 9.09
CA ILE A 221 1.33 -36.80 8.30
C ILE A 221 1.41 -37.61 7.05
N PHE A 222 2.58 -37.58 6.42
CA PHE A 222 2.75 -38.34 5.18
C PHE A 222 2.72 -39.83 5.46
N PHE A 223 3.50 -40.26 6.44
CA PHE A 223 3.54 -41.68 6.78
C PHE A 223 2.15 -42.21 7.07
N GLY A 224 1.40 -41.53 7.91
CA GLY A 224 0.06 -41.98 8.23
C GLY A 224 -0.90 -41.82 7.07
N ARG A 225 -0.40 -41.39 5.93
CA ARG A 225 -1.27 -41.20 4.78
C ARG A 225 -0.91 -42.17 3.65
N GLY A 226 0.04 -43.07 3.93
CA GLY A 226 0.45 -44.05 2.95
C GLY A 226 1.43 -43.50 1.95
N VAL A 227 2.43 -42.76 2.41
CA VAL A 227 3.41 -42.20 1.49
C VAL A 227 4.81 -42.56 1.94
N SER A 228 5.57 -43.14 1.03
CA SER A 228 6.95 -43.53 1.34
C SER A 228 7.87 -42.67 0.53
N TYR A 229 9.13 -42.60 0.93
CA TYR A 229 10.07 -41.80 0.16
C TYR A 229 10.87 -42.73 -0.73
N ASP A 230 10.34 -43.93 -0.96
CA ASP A 230 11.04 -44.92 -1.76
C ASP A 230 10.80 -44.84 -3.26
N LYS A 231 9.58 -44.48 -3.67
CA LYS A 231 9.35 -44.31 -5.09
C LYS A 231 9.02 -42.84 -5.29
N PRO A 232 9.10 -42.35 -6.54
CA PRO A 232 8.81 -40.94 -6.82
C PRO A 232 7.38 -40.55 -6.53
N ILE A 233 7.16 -39.24 -6.40
CA ILE A 233 5.85 -38.70 -6.11
C ILE A 233 5.45 -37.67 -7.16
N ILE A 234 4.18 -37.74 -7.55
CA ILE A 234 3.59 -36.82 -8.49
C ILE A 234 2.44 -36.22 -7.73
N VAL A 235 2.26 -34.90 -7.82
CA VAL A 235 1.12 -34.30 -7.15
C VAL A 235 0.26 -33.70 -8.27
N SER A 236 -1.02 -34.02 -8.25
CA SER A 236 -1.94 -33.52 -9.28
C SER A 236 -2.72 -32.33 -8.74
N GLY A 238 -6.13 -30.18 -8.41
CA GLY A 238 -7.58 -30.34 -8.44
C GLY A 238 -8.33 -29.19 -7.78
N SER A 239 -8.06 -28.99 -6.47
CA SER A 239 -8.66 -27.90 -5.66
C SER A 239 -8.20 -26.63 -6.33
N GLY A 240 -7.79 -26.81 -7.58
CA GLY A 240 -7.31 -25.74 -8.39
C GLY A 240 -5.82 -25.53 -8.17
N VAL A 241 -5.46 -25.07 -6.97
CA VAL A 241 -4.06 -24.74 -6.73
C VAL A 241 -3.34 -25.21 -5.47
N THR A 242 -4.05 -25.85 -4.56
CA THR A 242 -3.41 -26.29 -3.33
C THR A 242 -2.28 -27.29 -3.51
N ALA A 243 -2.35 -28.07 -4.58
CA ALA A 243 -1.34 -29.09 -4.86
C ALA A 243 0.05 -28.63 -4.47
N ALA A 244 0.44 -27.45 -4.95
CA ALA A 244 1.74 -26.88 -4.64
C ALA A 244 2.12 -26.96 -3.16
N VAL A 245 1.16 -27.03 -2.25
CA VAL A 245 1.49 -27.11 -0.83
C VAL A 245 2.13 -28.46 -0.48
N VAL A 246 1.59 -29.53 -1.07
CA VAL A 246 2.12 -30.87 -0.83
C VAL A 246 3.55 -30.90 -1.37
N LEU A 247 3.72 -30.32 -2.55
CA LEU A 247 5.02 -30.24 -3.20
C LEU A 247 6.02 -29.60 -2.25
N LEU A 248 5.72 -28.38 -1.83
CA LEU A 248 6.54 -27.59 -0.93
C LEU A 248 6.85 -28.35 0.35
N ALA A 249 5.85 -29.00 0.91
CA ALA A 249 6.03 -29.77 2.13
C ALA A 249 7.05 -30.90 1.90
N LEU A 250 6.95 -31.59 0.75
CA LEU A 250 7.92 -32.64 0.42
C LEU A 250 9.31 -32.00 0.16
N ALA A 251 9.34 -30.90 -0.58
CA ALA A 251 10.61 -30.25 -0.86
C ALA A 251 11.28 -29.87 0.47
N THR A 252 10.46 -29.57 1.47
CA THR A 252 10.99 -29.19 2.78
C THR A 252 11.60 -30.43 3.45
N LEU A 253 11.03 -31.60 3.15
CA LEU A 253 11.53 -32.85 3.69
C LEU A 253 12.72 -33.29 2.82
N ASP A 254 13.04 -32.49 1.81
CA ASP A 254 14.14 -32.76 0.89
C ASP A 254 13.91 -33.88 -0.10
N VAL A 255 12.66 -34.28 -0.29
CA VAL A 255 12.36 -35.34 -1.25
C VAL A 255 12.81 -34.80 -2.61
N PRO A 256 13.39 -35.65 -3.48
CA PRO A 256 13.80 -35.12 -4.78
C PRO A 256 12.88 -35.45 -5.97
N ASN A 257 12.96 -34.65 -7.03
CA ASN A 257 12.18 -34.84 -8.25
C ASN A 257 10.67 -34.90 -8.08
N VAL A 258 10.12 -34.17 -7.11
CA VAL A 258 8.68 -34.17 -6.92
C VAL A 258 8.11 -33.35 -8.07
N LYS A 259 7.12 -33.88 -8.75
CA LYS A 259 6.53 -33.16 -9.88
C LYS A 259 5.04 -32.89 -9.72
N LEU A 260 4.62 -31.78 -10.31
CA LEU A 260 3.24 -31.33 -10.28
C LEU A 260 2.50 -31.71 -11.55
N TYR A 261 1.37 -32.39 -11.40
CA TYR A 261 0.59 -32.74 -12.58
C TYR A 261 -0.38 -31.60 -12.82
N ASP A 262 0.02 -30.68 -13.69
CA ASP A 262 -0.76 -29.50 -14.00
C ASP A 262 -2.23 -29.73 -14.40
N GLY A 263 -2.59 -30.97 -14.73
CA GLY A 263 -3.95 -31.26 -15.13
C GLY A 263 -3.90 -31.89 -16.51
N ALA A 264 -4.97 -32.53 -16.93
CA ALA A 264 -5.00 -33.18 -18.24
C ALA A 264 -5.30 -32.23 -19.40
N TRP A 265 -4.24 -31.71 -20.04
CA TRP A 265 -4.37 -30.80 -21.19
C TRP A 265 -3.22 -31.01 -22.17
N SER A 266 -3.51 -30.88 -23.47
CA SER A 266 -2.51 -31.06 -24.55
C SER A 266 -1.16 -30.37 -24.30
N GLU A 267 -0.09 -31.03 -24.75
CA GLU A 267 1.30 -30.58 -24.60
C GLU A 267 1.77 -30.86 -23.17
N TRP A 268 1.17 -30.27 -22.23
N THR B 2 5.82 30.06 18.68
CA THR B 2 5.82 30.46 17.23
C THR B 2 4.41 30.65 16.68
N THR B 3 4.14 31.82 16.09
CA THR B 3 2.81 32.09 15.51
C THR B 3 2.91 31.91 14.02
N TRP B 4 1.83 31.44 13.40
CA TRP B 4 1.82 31.25 11.97
C TRP B 4 0.55 31.86 11.44
N PHE B 5 -0.14 32.53 12.35
CA PHE B 5 -1.39 33.16 12.01
C PHE B 5 -1.28 34.67 12.05
N VAL B 6 -2.13 35.30 11.29
CA VAL B 6 -2.21 36.72 11.26
C VAL B 6 -3.69 37.01 11.35
N GLY B 7 -4.12 37.98 12.14
CA GLY B 7 -5.55 38.26 12.33
C GLY B 7 -6.14 39.01 11.15
N ALA B 8 -7.46 38.98 11.06
CA ALA B 8 -8.16 39.66 9.98
C ALA B 8 -7.83 41.14 9.97
N ASP B 9 -8.07 41.77 11.12
CA ASP B 9 -7.80 43.20 11.29
C ASP B 9 -6.39 43.59 10.88
N TRP B 10 -5.52 42.59 10.78
CA TRP B 10 -4.15 42.84 10.39
C TRP B 10 -4.12 42.88 8.89
N LEU B 11 -4.71 41.85 8.29
CA LEU B 11 -4.77 41.71 6.86
C LEU B 11 -5.49 42.91 6.24
N ALA B 12 -6.47 43.43 6.96
CA ALA B 12 -7.19 44.62 6.48
C ALA B 12 -6.14 45.73 6.45
N GLU B 13 -5.58 46.02 7.63
CA GLU B 13 -4.57 47.03 7.76
C GLU B 13 -3.52 46.97 6.65
N HIS B 14 -3.16 45.78 6.23
CA HIS B 14 -2.15 45.61 5.20
C HIS B 14 -2.70 45.12 3.87
N ILE B 15 -4.00 45.27 3.64
CA ILE B 15 -4.58 44.77 2.40
C ILE B 15 -3.88 45.20 1.12
N ASP B 16 -3.57 46.48 0.98
CA ASP B 16 -2.89 46.97 -0.22
C ASP B 16 -1.36 46.91 -0.15
N ASP B 17 -0.84 46.35 0.95
CA ASP B 17 0.61 46.22 1.15
C ASP B 17 1.23 45.36 0.03
N PRO B 18 2.28 45.89 -0.64
CA PRO B 18 3.04 45.28 -1.74
C PRO B 18 3.86 44.01 -1.48
N GLU B 19 4.39 43.87 -0.28
CA GLU B 19 5.21 42.71 0.04
C GLU B 19 4.33 41.59 0.60
N ILE B 20 3.04 41.61 0.27
CA ILE B 20 2.10 40.62 0.77
C ILE B 20 1.10 40.12 -0.26
N GLN B 21 1.08 38.81 -0.49
CA GLN B 21 0.13 38.21 -1.42
C GLN B 21 -0.88 37.35 -0.66
N ILE B 22 -2.16 37.47 -1.01
CA ILE B 22 -3.20 36.70 -0.36
C ILE B 22 -3.66 35.51 -1.18
N ILE B 23 -3.65 34.34 -0.54
CA ILE B 23 -4.01 33.10 -1.18
C ILE B 23 -5.27 32.44 -0.62
N ASP B 24 -6.24 32.24 -1.49
CA ASP B 24 -7.52 31.64 -1.14
C ASP B 24 -7.45 30.15 -1.47
N ALA B 25 -7.18 29.33 -0.45
CA ALA B 25 -7.10 27.89 -0.64
C ALA B 25 -8.35 27.17 -0.15
N ARG B 26 -9.52 27.69 -0.56
CA ARG B 26 -10.80 27.10 -0.22
C ARG B 26 -10.85 25.74 -0.88
N MET B 27 -11.69 24.85 -0.35
CA MET B 27 -11.82 23.49 -0.89
C MET B 27 -13.07 22.79 -0.35
N ALA B 28 -13.94 22.38 -1.25
CA ALA B 28 -15.17 21.69 -0.85
C ALA B 28 -14.85 20.53 0.09
N SER B 29 -15.74 20.32 1.06
CA SER B 29 -15.57 19.26 2.06
C SER B 29 -15.88 17.85 1.57
N PRO B 30 -14.91 16.92 1.72
CA PRO B 30 -15.07 15.53 1.29
C PRO B 30 -16.49 15.05 1.56
N GLY B 31 -17.14 14.47 0.55
CA GLY B 31 -18.50 14.00 0.72
C GLY B 31 -19.44 15.19 0.54
N GLN B 32 -19.04 16.08 -0.35
CA GLN B 32 -19.78 17.30 -0.68
C GLN B 32 -19.39 17.65 -2.11
N GLU B 33 -19.33 16.61 -2.94
CA GLU B 33 -18.96 16.68 -4.35
C GLU B 33 -19.99 17.47 -5.18
N ASP B 34 -20.58 18.50 -4.58
CA ASP B 34 -21.57 19.31 -5.27
C ASP B 34 -21.04 20.70 -5.65
N ARG B 35 -20.71 21.50 -4.66
CA ARG B 35 -20.21 22.85 -4.93
C ARG B 35 -18.93 22.82 -5.71
N ASN B 36 -18.76 23.82 -6.57
CA ASN B 36 -17.53 23.97 -7.31
C ASN B 36 -16.89 25.22 -6.71
N VAL B 37 -15.83 25.02 -5.94
CA VAL B 37 -15.15 26.11 -5.27
C VAL B 37 -14.89 27.32 -6.17
N ALA B 38 -14.28 27.10 -7.32
CA ALA B 38 -13.99 28.18 -8.26
C ALA B 38 -15.16 29.15 -8.37
N GLN B 39 -16.34 28.63 -8.65
CA GLN B 39 -17.52 29.47 -8.76
C GLN B 39 -17.81 30.18 -7.45
N GLU B 40 -17.30 29.65 -6.36
CA GLU B 40 -17.52 30.24 -5.06
C GLU B 40 -16.50 31.34 -4.81
N TYR B 41 -15.29 31.11 -5.33
CA TYR B 41 -14.24 32.10 -5.20
C TYR B 41 -14.72 33.34 -5.93
N LEU B 42 -15.03 33.16 -7.22
CA LEU B 42 -15.49 34.26 -8.06
C LEU B 42 -16.63 35.12 -7.51
N ASN B 43 -17.54 34.54 -6.72
CA ASN B 43 -18.67 35.31 -6.17
C ASN B 43 -18.32 36.14 -4.95
N GLY B 44 -17.13 35.92 -4.41
CA GLY B 44 -16.72 36.67 -3.23
C GLY B 44 -15.51 36.09 -2.56
N HIS B 45 -14.47 36.90 -2.45
CA HIS B 45 -13.24 36.47 -1.80
C HIS B 45 -12.54 37.69 -1.22
N ILE B 46 -11.54 37.47 -0.37
CA ILE B 46 -10.81 38.58 0.22
C ILE B 46 -10.11 39.29 -0.95
N PRO B 47 -10.25 40.62 -1.02
CA PRO B 47 -9.67 41.48 -2.07
C PRO B 47 -8.19 41.31 -2.41
N GLY B 48 -7.93 41.06 -3.69
CA GLY B 48 -6.56 40.88 -4.12
C GLY B 48 -6.06 39.45 -3.99
N ALA B 49 -6.91 38.54 -3.54
CA ALA B 49 -6.53 37.15 -3.35
C ALA B 49 -6.63 36.31 -4.63
N VAL B 50 -5.75 35.32 -4.76
CA VAL B 50 -5.76 34.46 -5.92
C VAL B 50 -6.26 33.09 -5.47
N PHE B 51 -6.97 32.39 -6.34
CA PHE B 51 -7.52 31.07 -6.02
C PHE B 51 -6.48 29.99 -6.17
N PHE B 52 -6.02 29.46 -5.04
CA PHE B 52 -5.02 28.38 -5.03
C PHE B 52 -5.79 27.07 -4.90
N ASP B 53 -6.19 26.52 -6.04
CA ASP B 53 -6.97 25.28 -6.14
C ASP B 53 -6.22 23.97 -5.86
N ILE B 54 -6.50 23.35 -4.70
CA ILE B 54 -5.85 22.10 -4.29
C ILE B 54 -6.26 20.89 -5.14
N GLU B 55 -7.53 20.85 -5.53
CA GLU B 55 -8.02 19.76 -6.37
C GLU B 55 -7.20 19.71 -7.66
N ALA B 56 -7.59 20.56 -8.60
CA ALA B 56 -6.94 20.68 -9.91
C ALA B 56 -5.50 21.17 -9.80
N LEU B 57 -4.78 20.69 -8.80
CA LEU B 57 -3.41 21.09 -8.59
C LEU B 57 -2.61 19.86 -8.19
N SER B 58 -3.28 18.90 -7.56
CA SER B 58 -2.60 17.67 -7.14
C SER B 58 -2.68 16.59 -8.23
N ASP B 59 -1.52 16.02 -8.51
CA ASP B 59 -1.36 14.96 -9.53
C ASP B 59 -2.05 13.68 -9.15
N HIS B 60 -2.91 13.19 -10.04
CA HIS B 60 -3.59 11.94 -9.80
C HIS B 60 -2.63 10.83 -10.26
N THR B 61 -1.35 11.20 -10.40
CA THR B 61 -0.27 10.30 -10.84
C THR B 61 1.06 11.05 -11.02
N SER B 62 1.95 10.95 -10.03
CA SER B 62 3.25 11.64 -10.10
C SER B 62 4.38 10.98 -9.29
N PRO B 63 5.62 11.49 -9.43
CA PRO B 63 6.81 10.98 -8.73
C PRO B 63 6.89 11.28 -7.24
N LEU B 64 6.13 12.27 -6.79
CA LEU B 64 6.13 12.63 -5.37
C LEU B 64 4.83 12.25 -4.64
N PRO B 65 4.94 11.96 -3.33
CA PRO B 65 3.85 11.57 -2.42
C PRO B 65 2.82 12.68 -2.15
N HIS B 66 1.63 12.29 -1.72
CA HIS B 66 0.58 13.24 -1.42
C HIS B 66 0.06 13.90 -2.67
N MET B 67 0.12 13.18 -3.78
CA MET B 67 -0.36 13.72 -5.04
C MET B 67 0.32 15.08 -5.27
N LEU B 68 1.51 15.20 -4.71
CA LEU B 68 2.34 16.39 -4.79
C LEU B 68 3.12 16.52 -6.10
N PRO B 69 2.73 17.50 -6.96
CA PRO B 69 3.40 17.72 -8.26
C PRO B 69 4.91 17.96 -8.09
N ARG B 70 5.66 17.75 -9.16
CA ARG B 70 7.11 17.95 -9.13
C ARG B 70 7.37 19.42 -8.86
N PRO B 71 8.49 19.73 -8.16
CA PRO B 71 8.90 21.10 -7.83
C PRO B 71 9.19 21.88 -9.11
N GLU B 72 8.50 21.49 -10.19
CA GLU B 72 8.64 22.04 -11.52
C GLU B 72 7.25 22.28 -12.12
N THR B 73 6.31 21.37 -11.83
CA THR B 73 4.94 21.50 -12.32
C THR B 73 4.23 22.56 -11.49
N PHE B 74 4.65 22.66 -10.25
CA PHE B 74 4.10 23.60 -9.30
C PHE B 74 4.57 25.00 -9.67
N ALA B 75 5.89 25.20 -9.67
CA ALA B 75 6.48 26.48 -9.99
C ALA B 75 5.79 27.12 -11.20
N VAL B 76 5.62 26.32 -12.22
CA VAL B 76 4.96 26.74 -13.45
C VAL B 76 3.56 27.19 -13.18
N ALA B 77 2.92 26.34 -12.42
CA ALA B 77 1.56 26.54 -12.05
C ALA B 77 1.39 27.77 -11.21
N MET B 78 2.29 28.01 -10.27
CA MET B 78 2.21 29.18 -9.42
C MET B 78 2.57 30.45 -10.19
N ARG B 79 3.72 30.39 -10.85
CA ARG B 79 4.23 31.48 -11.67
C ARG B 79 3.08 31.92 -12.59
N GLU B 80 2.23 30.97 -12.95
CA GLU B 80 1.11 31.30 -13.81
C GLU B 80 0.06 32.04 -12.99
N LEU B 81 -0.34 31.47 -11.87
CA LEU B 81 -1.34 32.08 -10.99
C LEU B 81 -0.85 33.46 -10.55
N GLY B 82 0.44 33.71 -10.80
CA GLY B 82 1.03 34.98 -10.44
C GLY B 82 1.24 35.05 -8.95
N VAL B 83 2.22 34.33 -8.45
CA VAL B 83 2.51 34.33 -7.03
C VAL B 83 4.02 34.31 -6.81
N ASN B 84 4.49 35.21 -5.96
CA ASN B 84 5.92 35.35 -5.67
C ASN B 84 6.41 34.56 -4.48
N GLN B 85 7.04 33.43 -4.77
CA GLN B 85 7.58 32.58 -3.71
C GLN B 85 8.71 33.31 -3.04
N ASP B 86 8.39 34.40 -2.36
CA ASP B 86 9.39 35.21 -1.70
C ASP B 86 8.71 36.27 -0.84
N LYS B 87 7.52 36.69 -1.27
CA LYS B 87 6.78 37.67 -0.49
C LYS B 87 6.16 36.94 0.69
N HIS B 88 5.67 37.70 1.66
CA HIS B 88 5.04 37.11 2.82
C HIS B 88 3.60 36.74 2.44
N LEU B 89 3.40 35.47 2.11
CA LEU B 89 2.09 34.95 1.72
C LEU B 89 1.11 34.82 2.88
N ILE B 90 -0.18 34.86 2.57
CA ILE B 90 -1.21 34.74 3.59
C ILE B 90 -2.29 33.83 3.04
N VAL B 91 -2.35 32.62 3.57
CA VAL B 91 -3.31 31.60 3.15
C VAL B 91 -4.55 31.53 4.01
N TYR B 92 -5.72 31.35 3.39
CA TYR B 92 -6.96 31.24 4.16
C TYR B 92 -7.98 30.27 3.53
N ASP B 93 -9.00 29.89 4.28
CA ASP B 93 -10.06 28.99 3.76
C ASP B 93 -11.42 29.43 4.31
N GLU B 94 -12.49 28.69 4.04
CA GLU B 94 -13.81 29.10 4.52
C GLU B 94 -13.79 29.61 5.94
N GLY B 95 -12.93 29.03 6.78
CA GLY B 95 -12.86 29.45 8.17
C GLY B 95 -12.89 28.30 9.16
N ASN B 96 -12.63 27.08 8.69
CA ASN B 96 -12.63 25.91 9.56
C ASN B 96 -11.25 25.33 9.70
N LEU B 97 -10.28 25.88 8.98
CA LEU B 97 -8.90 25.40 9.05
C LEU B 97 -8.79 24.04 8.42
N PHE B 98 -9.82 23.64 7.69
CA PHE B 98 -9.84 22.36 7.02
C PHE B 98 -8.80 22.27 5.91
N SER B 99 -8.70 23.28 5.07
CA SER B 99 -7.75 23.23 3.99
C SER B 99 -6.51 24.11 4.05
N ALA B 100 -6.66 25.34 4.53
CA ALA B 100 -5.54 26.27 4.55
C ALA B 100 -4.22 25.74 5.07
N PRO B 101 -4.22 24.97 6.17
CA PRO B 101 -2.95 24.47 6.70
C PRO B 101 -2.27 23.51 5.72
N ARG B 102 -3.06 22.95 4.83
CA ARG B 102 -2.54 22.05 3.82
C ARG B 102 -1.84 22.95 2.81
N ALA B 103 -2.57 23.91 2.28
CA ALA B 103 -2.04 24.88 1.33
C ALA B 103 -0.80 25.53 1.92
N TRP B 104 -0.84 25.79 3.22
CA TRP B 104 0.27 26.40 3.93
C TRP B 104 1.48 25.49 3.83
N TRP B 105 1.22 24.21 4.05
CA TRP B 105 2.27 23.20 4.00
C TRP B 105 2.87 23.12 2.61
N MET B 106 2.04 22.81 1.61
CA MET B 106 2.47 22.70 0.23
C MET B 106 3.44 23.82 -0.12
N LEU B 107 3.01 25.04 0.19
CA LEU B 107 3.81 26.20 -0.09
C LEU B 107 5.21 26.10 0.50
N ARG B 108 5.34 25.94 1.81
CA ARG B 108 6.69 25.85 2.38
C ARG B 108 7.46 24.62 1.92
N THR B 109 6.73 23.57 1.50
CA THR B 109 7.34 22.33 1.02
C THR B 109 7.86 22.47 -0.39
N PHE B 110 7.38 23.49 -1.09
CA PHE B 110 7.81 23.77 -2.45
C PHE B 110 8.69 25.01 -2.45
N GLY B 111 9.33 25.27 -1.32
CA GLY B 111 10.25 26.40 -1.15
C GLY B 111 9.59 27.78 -1.14
N VAL B 112 9.22 28.22 0.06
CA VAL B 112 8.62 29.54 0.27
C VAL B 112 8.81 29.86 1.76
N GLU B 113 9.92 30.53 2.08
CA GLU B 113 10.25 30.89 3.45
C GLU B 113 9.12 31.32 4.38
N LYS B 114 8.48 32.46 4.14
CA LYS B 114 7.41 32.90 5.03
C LYS B 114 5.99 32.83 4.48
N VAL B 115 5.22 31.89 5.02
CA VAL B 115 3.84 31.69 4.64
C VAL B 115 3.05 31.73 5.92
N SER B 116 1.93 32.43 5.93
CA SER B 116 1.15 32.47 7.15
C SER B 116 -0.30 32.11 6.91
N ILE B 117 -1.09 32.13 7.97
CA ILE B 117 -2.48 31.80 7.80
C ILE B 117 -3.35 32.86 8.45
N LEU B 118 -4.46 33.18 7.79
CA LEU B 118 -5.41 34.16 8.30
C LEU B 118 -6.29 33.48 9.35
N GLY B 119 -6.18 33.95 10.58
CA GLY B 119 -6.99 33.36 11.62
C GLY B 119 -8.46 33.54 11.30
N GLY B 120 -9.26 32.52 11.56
CA GLY B 120 -10.68 32.61 11.31
C GLY B 120 -11.11 32.44 9.86
N GLY B 121 -10.14 32.53 8.94
CA GLY B 121 -10.44 32.37 7.53
C GLY B 121 -11.51 33.29 6.97
N LEU B 122 -12.17 32.83 5.91
CA LEU B 122 -13.22 33.61 5.27
C LEU B 122 -14.36 34.00 6.20
N ALA B 123 -14.99 33.01 6.82
CA ALA B 123 -16.07 33.28 7.76
C ALA B 123 -15.52 34.24 8.80
N GLY B 124 -14.27 34.03 9.18
CA GLY B 124 -13.66 34.92 10.14
C GLY B 124 -13.77 36.35 9.65
N TRP B 125 -13.29 36.58 8.43
CA TRP B 125 -13.32 37.88 7.76
C TRP B 125 -14.69 38.54 7.76
N GLN B 126 -15.70 37.80 7.30
CA GLN B 126 -17.05 38.34 7.25
C GLN B 126 -17.63 38.65 8.62
N ARG B 127 -17.25 37.86 9.62
CA ARG B 127 -17.74 38.13 10.97
C ARG B 127 -17.37 39.57 11.36
N ASP B 128 -16.26 40.07 10.82
CA ASP B 128 -15.80 41.41 11.11
C ASP B 128 -16.31 42.44 10.11
N ASP B 129 -17.41 42.13 9.44
CA ASP B 129 -18.00 43.03 8.45
C ASP B 129 -16.94 43.57 7.49
N LEU B 130 -16.22 42.67 6.82
CA LEU B 130 -15.18 43.06 5.86
C LEU B 130 -15.62 42.83 4.43
N LEU B 131 -15.34 43.79 3.57
CA LEU B 131 -15.74 43.71 2.17
C LEU B 131 -15.13 42.56 1.40
N LEU B 132 -15.90 42.05 0.45
CA LEU B 132 -15.43 40.97 -0.41
C LEU B 132 -15.40 41.49 -1.84
N GLU B 133 -14.39 41.02 -2.57
CA GLU B 133 -14.14 41.37 -3.97
C GLU B 133 -14.81 40.29 -4.78
N GLU B 134 -15.19 40.61 -6.00
CA GLU B 134 -15.83 39.62 -6.84
C GLU B 134 -15.04 39.50 -8.13
N GLY B 135 -15.44 38.56 -8.99
CA GLY B 135 -14.75 38.38 -10.25
C GLY B 135 -13.29 37.95 -10.07
N ALA B 136 -12.73 37.36 -11.12
CA ALA B 136 -11.36 36.87 -11.08
C ALA B 136 -10.31 37.95 -10.92
N VAL B 137 -9.22 37.57 -10.28
CA VAL B 137 -8.08 38.43 -10.04
C VAL B 137 -7.03 37.98 -11.04
N GLU B 138 -6.48 38.93 -11.79
CA GLU B 138 -5.50 38.61 -12.82
C GLU B 138 -4.11 39.24 -12.64
N LEU B 139 -3.32 38.73 -11.72
CA LEU B 139 -1.97 39.26 -11.50
C LEU B 139 -1.03 38.90 -12.65
N PRO B 140 0.09 39.64 -12.76
CA PRO B 140 1.07 39.38 -13.82
C PRO B 140 1.58 37.97 -13.60
N GLU B 141 2.45 37.39 -14.46
CA GLU B 141 3.00 36.01 -14.34
C GLU B 141 4.11 35.85 -13.26
N GLY B 142 3.66 35.26 -12.14
CA GLY B 142 4.38 35.05 -10.89
C GLY B 142 5.78 34.48 -10.91
N GLU B 143 6.66 35.12 -10.19
CA GLU B 143 7.97 34.54 -10.10
C GLU B 143 7.89 33.37 -9.15
N PHE B 144 8.39 32.28 -9.59
CA PHE B 144 8.41 31.06 -8.78
C PHE B 144 9.16 29.90 -9.45
N ASN B 145 10.38 29.59 -9.00
CA ASN B 145 11.14 28.48 -9.61
C ASN B 145 11.75 27.51 -8.58
N ALA B 146 12.33 26.43 -9.10
CA ALA B 146 12.98 25.33 -8.36
C ALA B 146 13.14 25.46 -6.85
N ALA B 147 12.88 24.36 -6.16
CA ALA B 147 12.98 24.24 -4.70
C ALA B 147 11.98 23.18 -4.23
N PHE B 148 12.24 22.64 -3.03
CA PHE B 148 11.41 21.61 -2.42
C PHE B 148 12.10 21.27 -1.11
N ASN B 149 11.38 20.70 -0.16
CA ASN B 149 12.03 20.36 1.09
C ASN B 149 11.78 18.93 1.54
N PRO B 150 12.85 18.15 1.71
CA PRO B 150 12.77 16.76 2.15
C PRO B 150 12.31 16.58 3.59
N GLU B 151 13.02 17.22 4.51
CA GLU B 151 12.71 17.14 5.94
C GLU B 151 11.22 17.13 6.32
N ALA B 152 10.34 17.52 5.40
CA ALA B 152 8.91 17.55 5.70
C ALA B 152 8.13 16.26 5.39
N VAL B 153 8.73 15.34 4.63
CA VAL B 153 8.05 14.11 4.27
C VAL B 153 8.86 12.86 4.59
N VAL B 154 8.19 11.70 4.62
CA VAL B 154 8.87 10.43 4.90
C VAL B 154 8.40 9.30 4.00
N LYS B 155 9.26 8.29 3.86
CA LYS B 155 9.00 7.12 3.03
C LYS B 155 8.21 6.04 3.78
N VAL B 156 7.35 5.33 3.05
CA VAL B 156 6.56 4.25 3.60
C VAL B 156 7.49 3.25 4.26
N THR B 157 8.71 3.16 3.74
CA THR B 157 9.70 2.24 4.24
C THR B 157 10.41 2.68 5.52
N ASP B 158 10.55 3.98 5.74
CA ASP B 158 11.22 4.47 6.94
C ASP B 158 10.27 4.53 8.14
N VAL B 159 8.99 4.70 7.84
CA VAL B 159 7.96 4.74 8.87
C VAL B 159 7.94 3.38 9.56
N LEU B 160 7.93 2.33 8.74
CA LEU B 160 7.93 0.94 9.21
C LEU B 160 9.18 0.65 10.05
N LEU B 161 10.33 0.93 9.47
CA LEU B 161 11.59 0.72 10.18
C LEU B 161 11.54 1.46 11.51
N ALA B 162 10.78 2.55 11.54
CA ALA B 162 10.65 3.36 12.76
C ALA B 162 9.55 2.85 13.69
N SER B 163 8.41 2.50 13.11
CA SER B 163 7.29 1.99 13.89
C SER B 163 7.66 0.62 14.46
N HIS B 164 8.38 -0.16 13.66
CA HIS B 164 8.81 -1.49 14.08
C HIS B 164 9.68 -1.44 15.32
N GLU B 165 10.75 -0.64 15.28
CA GLU B 165 11.65 -0.55 16.42
C GLU B 165 11.32 0.60 17.36
N ASN B 166 10.21 1.28 17.11
CA ASN B 166 9.81 2.39 17.95
C ASN B 166 10.88 3.47 18.02
N THR B 167 11.30 4.03 16.89
CA THR B 167 12.32 5.08 16.93
C THR B 167 11.58 6.42 16.98
N ALA B 168 10.43 6.43 16.34
CA ALA B 168 9.55 7.59 16.28
C ALA B 168 8.20 7.19 16.82
N GLN B 169 7.25 8.13 16.77
CA GLN B 169 5.90 7.87 17.20
C GLN B 169 5.00 8.48 16.13
N ILE B 170 3.92 7.79 15.83
CA ILE B 170 3.02 8.25 14.79
C ILE B 170 1.70 8.78 15.32
N ILE B 171 1.11 9.69 14.55
CA ILE B 171 -0.16 10.28 14.91
C ILE B 171 -1.17 10.08 13.80
N ASP B 172 -2.42 9.84 14.15
CA ASP B 172 -3.46 9.66 13.17
C ASP B 172 -4.47 10.79 13.43
N ALA B 173 -4.54 11.75 12.52
CA ALA B 173 -5.42 12.90 12.68
C ALA B 173 -6.89 12.66 12.41
N ARG B 174 -7.24 11.46 11.99
CA ARG B 174 -8.63 11.12 11.70
C ARG B 174 -9.49 11.35 12.93
N PRO B 175 -10.71 11.85 12.74
CA PRO B 175 -11.54 12.07 13.93
C PRO B 175 -11.68 10.75 14.67
N ALA B 176 -11.50 10.80 16.00
CA ALA B 176 -11.56 9.63 16.87
C ALA B 176 -12.50 8.51 16.42
N ALA B 177 -13.65 8.88 15.88
CA ALA B 177 -14.63 7.92 15.39
C ALA B 177 -13.99 6.89 14.44
N ARG B 178 -13.77 7.32 13.20
CA ARG B 178 -13.20 6.46 12.17
C ARG B 178 -11.88 5.80 12.55
N PHE B 179 -11.30 6.21 13.69
CA PHE B 179 -10.02 5.66 14.13
C PHE B 179 -10.10 4.26 14.72
N ASN B 180 -10.68 4.17 15.91
CA ASN B 180 -10.82 2.91 16.64
C ASN B 180 -11.68 1.84 15.96
N ALA B 181 -11.74 1.85 14.62
CA ALA B 181 -12.55 0.90 13.85
C ALA B 181 -14.01 1.09 14.25
N ARG B 192 -8.09 2.42 4.95
CA ARG B 192 -7.59 3.38 5.94
C ARG B 192 -6.61 2.72 6.89
N GLY B 193 -5.58 2.08 6.33
CA GLY B 193 -4.58 1.41 7.15
C GLY B 193 -4.24 2.11 8.45
N HIS B 194 -4.88 1.68 9.53
CA HIS B 194 -4.60 2.25 10.84
C HIS B 194 -3.19 1.75 11.15
N ILE B 195 -2.22 2.64 11.07
CA ILE B 195 -0.84 2.26 11.33
C ILE B 195 -0.78 1.69 12.74
N PRO B 196 -0.17 0.51 12.92
CA PRO B 196 -0.11 -0.02 14.28
C PRO B 196 0.81 0.83 15.15
N GLY B 197 0.37 1.11 16.36
CA GLY B 197 1.15 1.93 17.28
C GLY B 197 0.73 3.40 17.24
N ALA B 198 0.03 3.79 16.19
CA ALA B 198 -0.43 5.16 16.00
C ALA B 198 -1.24 5.67 17.17
N LEU B 199 -0.94 6.91 17.56
CA LEU B 199 -1.63 7.59 18.63
C LEU B 199 -2.61 8.52 17.92
N ASN B 200 -3.85 8.58 18.40
CA ASN B 200 -4.87 9.40 17.77
C ASN B 200 -4.95 10.82 18.33
N VAL B 201 -5.00 11.81 17.44
CA VAL B 201 -5.10 13.22 17.82
C VAL B 201 -6.08 13.83 16.84
N PRO B 202 -7.39 13.63 17.04
CA PRO B 202 -8.39 14.21 16.14
C PRO B 202 -8.04 15.66 15.81
N TRP B 203 -7.83 15.95 14.52
CA TRP B 203 -7.44 17.31 14.13
C TRP B 203 -8.36 18.43 14.61
N THR B 204 -9.63 18.11 14.85
CA THR B 204 -10.59 19.10 15.29
C THR B 204 -10.31 19.55 16.73
N GLU B 205 -9.80 18.62 17.53
CA GLU B 205 -9.52 18.92 18.93
C GLU B 205 -8.55 20.09 19.05
N LEU B 206 -7.73 20.28 18.03
CA LEU B 206 -6.74 21.34 18.03
C LEU B 206 -7.22 22.67 17.47
N VAL B 207 -8.45 22.72 16.97
CA VAL B 207 -8.97 23.94 16.37
C VAL B 207 -10.15 24.62 17.06
N ARG B 208 -10.12 25.95 17.05
CA ARG B 208 -11.15 26.80 17.63
C ARG B 208 -11.44 27.93 16.66
N GLU B 209 -12.56 27.76 15.96
CA GLU B 209 -13.06 28.70 14.96
C GLU B 209 -12.02 29.25 13.99
N GLY B 210 -11.64 28.41 13.04
CA GLY B 210 -10.73 28.85 12.00
C GLY B 210 -9.28 28.98 12.34
N GLU B 211 -8.92 28.76 13.59
CA GLU B 211 -7.52 28.85 13.96
C GLU B 211 -7.19 27.95 15.13
N LEU B 212 -5.88 27.81 15.36
CA LEU B 212 -5.37 26.97 16.44
C LEU B 212 -5.62 27.54 17.81
N LYS B 213 -5.96 26.63 18.73
CA LYS B 213 -6.20 26.99 20.12
C LYS B 213 -4.89 27.52 20.63
N THR B 214 -4.85 27.98 21.88
CA THR B 214 -3.59 28.49 22.45
C THR B 214 -2.58 27.37 22.66
N THR B 215 -1.33 27.76 22.89
CA THR B 215 -0.28 26.80 23.13
C THR B 215 -0.63 25.87 24.27
N ASP B 216 -0.99 26.43 25.41
CA ASP B 216 -1.37 25.60 26.56
C ASP B 216 -2.38 24.55 26.21
N GLU B 217 -3.32 24.88 25.32
CA GLU B 217 -4.34 23.94 24.90
C GLU B 217 -3.81 22.90 23.91
N LEU B 218 -2.90 23.33 23.03
CA LEU B 218 -2.34 22.42 22.07
C LEU B 218 -1.49 21.49 22.86
N ASP B 219 -0.86 22.02 23.90
CA ASP B 219 0.02 21.22 24.74
C ASP B 219 -0.74 20.18 25.55
N ALA B 220 -1.94 20.49 26.02
CA ALA B 220 -2.72 19.55 26.81
C ALA B 220 -3.39 18.52 25.94
N ILE B 221 -3.46 18.79 24.63
CA ILE B 221 -4.06 17.86 23.71
C ILE B 221 -3.06 16.76 23.41
N PHE B 222 -1.89 17.16 22.92
CA PHE B 222 -0.86 16.20 22.64
C PHE B 222 -0.53 15.39 23.89
N PHE B 223 -0.67 16.00 25.06
CA PHE B 223 -0.37 15.28 26.29
C PHE B 223 -1.41 14.21 26.57
N GLY B 224 -2.67 14.61 26.65
CA GLY B 224 -3.73 13.66 26.93
C GLY B 224 -3.83 12.56 25.88
N ARG B 225 -2.96 12.61 24.88
CA ARG B 225 -3.01 11.61 23.82
C ARG B 225 -1.83 10.70 23.78
N GLY B 226 -0.86 10.92 24.64
CA GLY B 226 0.30 10.07 24.66
C GLY B 226 1.47 10.62 23.87
N VAL B 227 1.23 11.63 23.04
CA VAL B 227 2.28 12.22 22.22
C VAL B 227 3.34 12.89 23.06
N SER B 228 4.61 12.62 22.74
CA SER B 228 5.73 13.20 23.47
C SER B 228 6.67 13.85 22.47
N TYR B 229 7.36 14.90 22.90
CA TYR B 229 8.26 15.62 22.01
C TYR B 229 9.70 15.18 22.15
N ASP B 230 9.92 14.11 22.90
CA ASP B 230 11.26 13.55 23.12
C ASP B 230 11.72 12.77 21.90
N LYS B 231 10.91 11.80 21.48
CA LYS B 231 11.22 10.99 20.30
C LYS B 231 10.52 11.64 19.11
N PRO B 232 11.17 11.63 17.94
CA PRO B 232 10.58 12.23 16.74
C PRO B 232 9.11 11.84 16.52
N ILE B 233 8.42 12.61 15.69
CA ILE B 233 7.00 12.38 15.39
C ILE B 233 6.74 12.27 13.89
N ILE B 234 5.72 11.51 13.52
CA ILE B 234 5.31 11.32 12.12
C ILE B 234 3.77 11.39 12.04
N VAL B 235 3.24 12.21 11.13
CA VAL B 235 1.78 12.36 11.00
C VAL B 235 1.29 11.76 9.69
N SER B 236 0.30 10.87 9.79
CA SER B 236 -0.28 10.20 8.64
C SER B 236 -1.42 10.99 7.99
N GLY B 238 -4.09 9.97 6.65
CA GLY B 238 -5.30 9.16 6.55
C GLY B 238 -6.58 9.98 6.63
N SER B 239 -6.55 11.05 7.42
CA SER B 239 -7.70 11.95 7.59
C SER B 239 -7.92 12.82 6.36
N GLY B 240 -7.05 12.64 5.37
CA GLY B 240 -7.14 13.43 4.15
C GLY B 240 -6.31 14.69 4.29
N VAL B 241 -6.81 15.79 3.72
CA VAL B 241 -6.12 17.07 3.72
C VAL B 241 -5.90 17.71 5.10
N THR B 242 -6.64 17.23 6.09
CA THR B 242 -6.59 17.78 7.43
C THR B 242 -5.38 17.46 8.29
N ALA B 243 -4.69 16.37 8.00
CA ALA B 243 -3.53 16.02 8.80
C ALA B 243 -2.56 17.18 8.88
N ALA B 244 -2.53 18.04 7.87
CA ALA B 244 -1.63 19.19 7.91
C ALA B 244 -1.87 20.01 9.18
N VAL B 245 -3.13 20.11 9.59
CA VAL B 245 -3.52 20.85 10.79
C VAL B 245 -2.66 20.48 11.99
N VAL B 246 -2.43 19.19 12.15
CA VAL B 246 -1.64 18.65 13.24
C VAL B 246 -0.17 18.97 13.10
N LEU B 247 0.30 19.14 11.86
CA LEU B 247 1.71 19.44 11.63
C LEU B 247 1.91 20.89 12.07
N LEU B 248 0.97 21.72 11.67
CA LEU B 248 0.97 23.13 11.99
C LEU B 248 1.04 23.30 13.49
N ALA B 249 0.19 22.60 14.26
CA ALA B 249 0.22 22.73 15.73
C ALA B 249 1.60 22.37 16.28
N LEU B 250 2.17 21.26 15.84
CA LEU B 250 3.50 20.90 16.31
C LEU B 250 4.49 21.98 15.86
N ALA B 251 4.25 22.55 14.69
CA ALA B 251 5.13 23.59 14.16
C ALA B 251 5.09 24.81 15.06
N THR B 252 3.91 25.09 15.60
CA THR B 252 3.70 26.23 16.49
C THR B 252 4.36 25.95 17.83
N LEU B 253 4.25 24.70 18.29
CA LEU B 253 4.82 24.29 19.57
C LEU B 253 6.33 24.21 19.53
N ASP B 254 6.90 24.50 18.36
CA ASP B 254 8.36 24.48 18.16
C ASP B 254 8.99 23.10 18.08
N VAL B 255 8.16 22.06 18.10
CA VAL B 255 8.69 20.71 18.01
C VAL B 255 9.42 20.51 16.66
N PRO B 256 10.70 20.12 16.73
CA PRO B 256 11.52 19.88 15.54
C PRO B 256 11.37 18.48 14.94
N ASN B 257 11.85 18.33 13.71
CA ASN B 257 11.79 17.07 12.95
C ASN B 257 10.43 16.37 12.93
N VAL B 258 9.41 17.04 12.40
CA VAL B 258 8.07 16.48 12.33
C VAL B 258 7.66 16.36 10.86
N LYS B 259 7.29 15.16 10.40
CA LYS B 259 6.93 14.97 9.00
C LYS B 259 5.59 14.33 8.70
N LEU B 260 5.07 14.59 7.50
CA LEU B 260 3.81 14.01 7.04
C LEU B 260 4.14 12.69 6.33
N TYR B 261 3.22 11.72 6.41
CA TYR B 261 3.45 10.43 5.78
C TYR B 261 2.29 10.00 4.93
N ASP B 262 2.62 9.45 3.76
CA ASP B 262 1.61 9.00 2.82
C ASP B 262 1.67 7.47 2.63
N GLY B 263 0.74 6.76 3.27
CA GLY B 263 0.71 5.31 3.19
C GLY B 263 0.33 4.79 1.82
N ALA B 264 1.03 5.27 0.79
CA ALA B 264 0.77 4.86 -0.58
C ALA B 264 2.08 4.68 -1.33
N TRP B 265 2.03 4.08 -2.51
CA TRP B 265 3.22 3.89 -3.30
C TRP B 265 3.72 5.28 -3.74
N SER B 266 5.01 5.38 -4.09
CA SER B 266 5.59 6.63 -4.52
C SER B 266 6.79 6.38 -5.43
N GLU B 267 7.88 5.94 -4.81
CA GLU B 267 9.11 5.62 -5.53
C GLU B 267 10.07 4.87 -4.58
N TRP B 268 11.19 4.51 -5.02
#